data_3K8W
#
_entry.id   3K8W
#
_cell.length_a   49.894
_cell.length_b   71.317
_cell.length_c   50.976
_cell.angle_alpha   90.00
_cell.angle_beta   117.13
_cell.angle_gamma   90.00
#
_symmetry.space_group_name_H-M   'P 1 21 1'
#
loop_
_entity.id
_entity.type
_entity.pdbx_description
1 polymer 'Flagellin homolog'
2 water water
#
_entity_poly.entity_id   1
_entity_poly.type   'polypeptide(L)'
_entity_poly.pdbx_seq_one_letter_code
;TQNSLSTSLQRLSSGLRINSAKDDAAGLAISDRMTAQIKGLTQAQRNANDGISLAQTAEGALGEISNNLQRIRELAVQAS
NGTNTQTDRDALQAEVTQLQSEIQRVAEQTSFNGQKLLDGSFNGVQFQIGANAGETIGVSKIMNAQTASLGGSLTRTTST
IDATDLTKYDTAMAAGDLTINGVDVGKIDAASTAQERAAQLTEAINRVSSQTNVGASYDKTTGQVTLTSNAAIAVAGAAN
DATVAGWANNATTGTATTTTGINSLTVSSFTNAQQTITQIDNALKDINTARADLGAVQNRFTSTVANLQSMTENLSSALE
HHHHHH
;
_entity_poly.pdbx_strand_id   A
#
# COMPACT_ATOMS: atom_id res chain seq x y z
N ASP A 24 -24.56 -34.19 -50.08
CA ASP A 24 -23.47 -33.95 -51.09
C ASP A 24 -22.24 -33.29 -50.46
N ALA A 25 -21.23 -33.00 -51.28
CA ALA A 25 -19.99 -32.38 -50.83
C ALA A 25 -20.20 -31.01 -50.19
N ALA A 26 -21.14 -30.24 -50.73
CA ALA A 26 -21.50 -28.93 -50.16
C ALA A 26 -22.12 -29.08 -48.78
N GLY A 27 -22.97 -30.11 -48.62
CA GLY A 27 -23.61 -30.40 -47.34
C GLY A 27 -22.64 -30.85 -46.27
N LEU A 28 -21.65 -31.65 -46.66
CA LEU A 28 -20.59 -32.09 -45.76
C LEU A 28 -19.76 -30.91 -45.26
N ALA A 29 -19.49 -29.97 -46.15
CA ALA A 29 -18.74 -28.75 -45.82
C ALA A 29 -19.51 -27.87 -44.84
N ILE A 30 -20.83 -27.76 -45.05
CA ILE A 30 -21.71 -27.01 -44.15
C ILE A 30 -21.74 -27.65 -42.76
N SER A 31 -21.86 -28.97 -42.72
CA SER A 31 -21.83 -29.73 -41.47
C SER A 31 -20.51 -29.52 -40.73
N ASP A 32 -19.40 -29.55 -41.46
CA ASP A 32 -18.08 -29.30 -40.90
C ASP A 32 -17.95 -27.90 -40.34
N ARG A 33 -18.51 -26.91 -41.04
CA ARG A 33 -18.52 -25.53 -40.57
C ARG A 33 -19.29 -25.42 -39.25
N MET A 34 -20.48 -26.01 -39.22
CA MET A 34 -21.33 -25.99 -38.02
C MET A 34 -20.68 -26.72 -36.85
N THR A 35 -19.99 -27.82 -37.15
CA THR A 35 -19.24 -28.56 -36.13
C THR A 35 -18.12 -27.72 -35.54
N ALA A 36 -17.35 -27.07 -36.40
CA ALA A 36 -16.27 -26.17 -35.98
C ALA A 36 -16.79 -25.03 -35.12
N GLN A 37 -17.94 -24.48 -35.50
CA GLN A 37 -18.57 -23.39 -34.77
C GLN A 37 -19.10 -23.85 -33.41
N ILE A 38 -19.82 -24.97 -33.39
CA ILE A 38 -20.34 -25.53 -32.13
C ILE A 38 -19.23 -25.86 -31.15
N LYS A 39 -18.20 -26.57 -31.61
CA LYS A 39 -17.05 -26.91 -30.77
C LYS A 39 -16.28 -25.67 -30.31
N GLY A 40 -16.15 -24.70 -31.21
CA GLY A 40 -15.45 -23.44 -30.93
C GLY A 40 -16.18 -22.60 -29.89
N LEU A 41 -17.49 -22.46 -30.06
CA LEU A 41 -18.32 -21.66 -29.16
C LEU A 41 -18.50 -22.32 -27.80
N THR A 42 -18.50 -23.65 -27.78
CA THR A 42 -18.59 -24.42 -26.53
C THR A 42 -17.31 -24.24 -25.70
N GLN A 43 -16.17 -24.30 -26.37
CA GLN A 43 -14.88 -24.03 -25.72
C GLN A 43 -14.78 -22.56 -25.29
N ALA A 44 -15.34 -21.66 -26.10
CA ALA A 44 -15.38 -20.23 -25.78
C ALA A 44 -16.14 -19.97 -24.48
N GLN A 45 -17.21 -20.73 -24.25
CA GLN A 45 -17.98 -20.64 -23.00
C GLN A 45 -17.14 -21.06 -21.79
N ARG A 46 -16.40 -22.15 -21.93
CA ARG A 46 -15.48 -22.61 -20.89
C ARG A 46 -14.37 -21.60 -20.65
N ASN A 47 -13.86 -21.03 -21.74
CA ASN A 47 -12.86 -19.97 -21.69
C ASN A 47 -13.34 -18.73 -20.94
N ALA A 48 -14.60 -18.35 -21.19
CA ALA A 48 -15.22 -17.19 -20.54
C ALA A 48 -15.43 -17.44 -19.05
N ASN A 49 -15.78 -18.67 -18.69
CA ASN A 49 -15.90 -19.06 -17.29
C ASN A 49 -14.56 -18.91 -16.56
N ASP A 50 -13.48 -19.37 -17.20
CA ASP A 50 -12.14 -19.23 -16.64
C ASP A 50 -11.73 -17.76 -16.49
N GLY A 51 -12.04 -16.95 -17.50
CA GLY A 51 -11.78 -15.52 -17.46
C GLY A 51 -12.53 -14.81 -16.34
N ILE A 52 -13.83 -15.10 -16.24
CA ILE A 52 -14.67 -14.61 -15.15
C ILE A 52 -14.07 -14.97 -13.79
N SER A 53 -13.64 -16.22 -13.66
CA SER A 53 -13.09 -16.74 -12.41
C SER A 53 -11.80 -16.04 -12.00
N LEU A 54 -10.96 -15.72 -12.98
CA LEU A 54 -9.74 -14.96 -12.74
C LEU A 54 -10.05 -13.56 -12.20
N ALA A 55 -10.97 -12.87 -12.87
CA ALA A 55 -11.38 -11.52 -12.47
C ALA A 55 -12.00 -11.53 -11.07
N GLN A 56 -12.82 -12.54 -10.79
CA GLN A 56 -13.45 -12.71 -9.47
C GLN A 56 -12.41 -12.97 -8.38
N THR A 57 -11.36 -13.72 -8.73
CA THR A 57 -10.25 -13.97 -7.81
C THR A 57 -9.53 -12.68 -7.43
N ALA A 58 -9.20 -11.87 -8.44
CA ALA A 58 -8.52 -10.60 -8.23
C ALA A 58 -9.37 -9.63 -7.41
N GLU A 59 -10.63 -9.49 -7.77
CA GLU A 59 -11.55 -8.58 -7.06
C GLU A 59 -11.72 -8.97 -5.59
N GLY A 60 -11.85 -10.26 -5.34
CA GLY A 60 -12.00 -10.78 -3.98
C GLY A 60 -10.79 -10.50 -3.11
N ALA A 61 -9.60 -10.76 -3.66
CA ALA A 61 -8.34 -10.53 -2.96
C ALA A 61 -8.11 -9.06 -2.66
N LEU A 62 -8.52 -8.19 -3.59
CA LEU A 62 -8.44 -6.74 -3.38
C LEU A 62 -9.31 -6.30 -2.20
N GLY A 63 -10.46 -6.94 -2.05
CA GLY A 63 -11.35 -6.70 -0.91
C GLY A 63 -10.71 -7.09 0.42
N GLU A 64 -9.93 -8.17 0.41
CA GLU A 64 -9.21 -8.61 1.60
C GLU A 64 -8.15 -7.60 2.00
N ILE A 65 -7.47 -7.03 1.01
CA ILE A 65 -6.51 -5.95 1.24
C ILE A 65 -7.22 -4.73 1.83
N SER A 66 -8.37 -4.38 1.26
CA SER A 66 -9.20 -3.28 1.75
C SER A 66 -9.54 -3.44 3.24
N ASN A 67 -9.91 -4.66 3.63
CA ASN A 67 -10.21 -4.97 5.03
C ASN A 67 -9.05 -4.67 5.97
N ASN A 68 -7.84 -5.04 5.53
CA ASN A 68 -6.62 -4.76 6.29
C ASN A 68 -6.28 -3.27 6.31
N LEU A 69 -6.51 -2.60 5.19
CA LEU A 69 -6.33 -1.15 5.10
C LEU A 69 -7.25 -0.41 6.07
N GLN A 70 -8.48 -0.89 6.20
CA GLN A 70 -9.46 -0.33 7.15
C GLN A 70 -8.94 -0.38 8.58
N ARG A 71 -8.29 -1.49 8.92
CA ARG A 71 -7.75 -1.69 10.26
C ARG A 71 -6.59 -0.73 10.54
N ILE A 72 -5.69 -0.56 9.57
CA ILE A 72 -4.61 0.43 9.68
C ILE A 72 -5.18 1.83 9.86
N ARG A 73 -6.18 2.17 9.05
CA ARG A 73 -6.81 3.49 9.08
C ARG A 73 -7.37 3.80 10.47
N GLU A 74 -8.09 2.83 11.04
CA GLU A 74 -8.67 2.94 12.38
C GLU A 74 -7.60 3.16 13.44
N LEU A 75 -6.52 2.39 13.36
CA LEU A 75 -5.39 2.53 14.28
C LEU A 75 -4.74 3.90 14.19
N ALA A 76 -4.70 4.46 12.98
CA ALA A 76 -4.14 5.79 12.76
C ALA A 76 -5.00 6.89 13.39
N VAL A 77 -6.32 6.71 13.34
CA VAL A 77 -7.26 7.61 14.01
C VAL A 77 -7.02 7.55 15.53
N GLN A 78 -6.82 6.33 16.06
CA GLN A 78 -6.54 6.15 17.48
C GLN A 78 -5.20 6.77 17.88
N ALA A 79 -4.16 6.50 17.08
CA ALA A 79 -2.80 6.97 17.36
C ALA A 79 -2.66 8.48 17.31
N SER A 80 -3.57 9.13 16.58
CA SER A 80 -3.55 10.58 16.43
C SER A 80 -3.97 11.33 17.69
N ASN A 81 -4.63 10.64 18.62
CA ASN A 81 -5.15 11.30 19.81
C ASN A 81 -4.06 11.75 20.79
N GLY A 82 -4.27 12.93 21.37
CA GLY A 82 -3.27 13.57 22.22
C GLY A 82 -3.06 12.98 23.61
N THR A 83 -3.81 11.94 23.95
CA THR A 83 -3.65 11.26 25.24
C THR A 83 -2.65 10.09 25.18
N ASN A 84 -2.28 9.68 23.97
CA ASN A 84 -1.34 8.57 23.79
C ASN A 84 0.06 8.87 24.29
N THR A 85 0.69 7.86 24.90
CA THR A 85 2.12 7.89 25.17
C THR A 85 2.84 7.34 23.95
N GLN A 86 4.16 7.43 23.92
CA GLN A 86 4.95 6.79 22.88
C GLN A 86 4.79 5.27 22.94
N THR A 87 4.76 4.72 24.15
CA THR A 87 4.54 3.30 24.35
C THR A 87 3.21 2.85 23.74
N ASP A 88 2.17 3.66 23.93
CA ASP A 88 0.86 3.42 23.31
C ASP A 88 0.97 3.37 21.78
N ARG A 89 1.63 4.38 21.21
CA ARG A 89 1.78 4.48 19.75
C ARG A 89 2.63 3.34 19.18
N ASP A 90 3.66 2.93 19.92
CA ASP A 90 4.52 1.81 19.52
C ASP A 90 3.73 0.50 19.43
N ALA A 91 2.83 0.30 20.39
CA ALA A 91 1.95 -0.87 20.41
C ALA A 91 1.01 -0.86 19.21
N LEU A 92 0.49 0.32 18.87
CA LEU A 92 -0.37 0.48 17.70
C LEU A 92 0.42 0.27 16.40
N GLN A 93 1.66 0.77 16.37
CA GLN A 93 2.55 0.59 15.22
C GLN A 93 2.92 -0.87 15.00
N ALA A 94 3.05 -1.62 16.09
CA ALA A 94 3.31 -3.06 16.02
C ALA A 94 2.18 -3.79 15.28
N GLU A 95 0.94 -3.36 15.51
CA GLU A 95 -0.22 -3.90 14.81
C GLU A 95 -0.22 -3.50 13.34
N VAL A 96 0.11 -2.24 13.07
CA VAL A 96 0.20 -1.72 11.69
C VAL A 96 1.22 -2.52 10.88
N THR A 97 2.39 -2.78 11.47
CA THR A 97 3.43 -3.56 10.81
C THR A 97 2.94 -4.94 10.39
N GLN A 98 2.19 -5.61 11.27
CA GLN A 98 1.61 -6.92 10.99
C GLN A 98 0.57 -6.87 9.86
N LEU A 99 -0.24 -5.81 9.86
CA LEU A 99 -1.24 -5.60 8.82
C LEU A 99 -0.61 -5.28 7.47
N GLN A 100 0.48 -4.53 7.50
CA GLN A 100 1.24 -4.21 6.30
C GLN A 100 1.85 -5.46 5.67
N SER A 101 2.35 -6.36 6.52
CA SER A 101 2.91 -7.63 6.05
C SER A 101 1.82 -8.54 5.45
N GLU A 102 0.63 -8.47 6.04
CA GLU A 102 -0.53 -9.24 5.55
C GLU A 102 -1.00 -8.75 4.19
N ILE A 103 -1.01 -7.43 4.00
CA ILE A 103 -1.33 -6.83 2.70
C ILE A 103 -0.29 -7.25 1.65
N GLN A 104 0.99 -7.16 2.03
CA GLN A 104 2.08 -7.57 1.15
C GLN A 104 1.94 -9.04 0.74
N ARG A 105 1.56 -9.89 1.71
CA ARG A 105 1.36 -11.32 1.46
C ARG A 105 0.27 -11.56 0.40
N VAL A 106 -0.90 -10.95 0.60
CA VAL A 106 -2.01 -11.09 -0.35
C VAL A 106 -1.59 -10.59 -1.74
N ALA A 107 -0.92 -9.44 -1.77
CA ALA A 107 -0.46 -8.83 -3.02
C ALA A 107 0.49 -9.72 -3.82
N GLU A 108 1.40 -10.40 -3.13
CA GLU A 108 2.41 -11.23 -3.80
C GLU A 108 1.97 -12.68 -4.02
N GLN A 109 1.03 -13.17 -3.21
CA GLN A 109 0.58 -14.56 -3.30
C GLN A 109 -0.63 -14.80 -4.21
N THR A 110 -1.51 -13.80 -4.32
CA THR A 110 -2.75 -13.96 -5.09
C THR A 110 -2.48 -14.39 -6.53
N SER A 111 -3.02 -15.54 -6.90
CA SER A 111 -2.80 -16.11 -8.23
C SER A 111 -4.02 -16.86 -8.72
N PHE A 112 -4.10 -17.01 -10.05
CA PHE A 112 -5.08 -17.88 -10.68
C PHE A 112 -4.34 -18.81 -11.62
N ASN A 113 -4.44 -20.12 -11.37
CA ASN A 113 -3.73 -21.13 -12.15
C ASN A 113 -2.26 -20.74 -12.38
N GLY A 114 -1.56 -20.42 -11.29
CA GLY A 114 -0.14 -20.10 -11.33
C GLY A 114 0.22 -18.69 -11.77
N GLN A 115 -0.76 -17.92 -12.24
CA GLN A 115 -0.54 -16.57 -12.75
C GLN A 115 -0.80 -15.53 -11.67
N LYS A 116 0.24 -14.78 -11.29
CA LYS A 116 0.12 -13.72 -10.30
C LYS A 116 -0.77 -12.59 -10.80
N LEU A 117 -1.62 -12.07 -9.91
CA LEU A 117 -2.64 -11.10 -10.32
C LEU A 117 -2.43 -9.70 -9.76
N LEU A 118 -1.85 -9.60 -8.57
CA LEU A 118 -1.84 -8.33 -7.83
C LEU A 118 -0.45 -7.76 -7.52
N ASP A 119 0.60 -8.37 -8.09
CA ASP A 119 1.98 -7.96 -7.78
C ASP A 119 2.56 -6.99 -8.81
N GLY A 120 1.75 -6.59 -9.78
CA GLY A 120 2.18 -5.65 -10.82
C GLY A 120 2.64 -6.30 -12.12
N SER A 121 2.65 -7.63 -12.14
CA SER A 121 3.09 -8.37 -13.34
C SER A 121 1.95 -8.66 -14.31
N PHE A 122 0.72 -8.56 -13.84
CA PHE A 122 -0.46 -8.76 -14.70
C PHE A 122 -0.78 -7.46 -15.42
N ASN A 123 -0.38 -7.37 -16.68
CA ASN A 123 -0.52 -6.12 -17.44
C ASN A 123 -1.50 -6.20 -18.62
N GLY A 124 -2.37 -7.20 -18.57
CA GLY A 124 -3.42 -7.35 -19.58
C GLY A 124 -3.23 -8.59 -20.45
N VAL A 125 -4.15 -9.55 -20.30
CA VAL A 125 -4.14 -10.76 -21.13
C VAL A 125 -5.49 -10.93 -21.85
N GLN A 126 -5.44 -11.59 -23.01
CA GLN A 126 -6.62 -11.82 -23.82
CA GLN A 126 -6.63 -11.81 -23.82
C GLN A 126 -7.26 -13.16 -23.51
N PHE A 127 -8.58 -13.21 -23.60
CA PHE A 127 -9.34 -14.43 -23.37
C PHE A 127 -10.15 -14.77 -24.60
N GLN A 128 -9.94 -15.97 -25.13
CA GLN A 128 -10.59 -16.42 -26.35
C GLN A 128 -12.05 -16.74 -26.10
N ILE A 129 -12.95 -15.87 -26.58
CA ILE A 129 -14.38 -15.99 -26.28
C ILE A 129 -15.26 -16.13 -27.52
N GLY A 130 -14.63 -16.43 -28.65
CA GLY A 130 -15.33 -16.75 -29.88
C GLY A 130 -14.72 -17.99 -30.52
N ALA A 131 -15.25 -18.38 -31.67
CA ALA A 131 -14.76 -19.57 -32.37
C ALA A 131 -13.53 -19.26 -33.23
N ASN A 132 -13.34 -17.99 -33.56
CA ASN A 132 -12.30 -17.59 -34.51
C ASN A 132 -11.19 -16.76 -33.88
N ALA A 133 -10.04 -16.73 -34.53
CA ALA A 133 -8.91 -15.93 -34.07
C ALA A 133 -9.28 -14.44 -34.01
N GLY A 134 -8.83 -13.78 -32.94
CA GLY A 134 -9.09 -12.35 -32.74
C GLY A 134 -10.36 -12.05 -31.97
N GLU A 135 -11.19 -13.06 -31.76
CA GLU A 135 -12.43 -12.90 -31.02
C GLU A 135 -12.16 -13.08 -29.52
N THR A 136 -11.71 -11.99 -28.90
CA THR A 136 -11.23 -12.03 -27.53
C THR A 136 -11.80 -10.91 -26.66
N ILE A 137 -11.75 -11.14 -25.35
CA ILE A 137 -11.98 -10.08 -24.37
C ILE A 137 -10.71 -9.98 -23.52
N GLY A 138 -10.23 -8.76 -23.32
CA GLY A 138 -9.06 -8.53 -22.48
C GLY A 138 -9.43 -8.14 -21.07
N VAL A 139 -8.77 -8.78 -20.10
CA VAL A 139 -8.78 -8.30 -18.73
C VAL A 139 -7.60 -7.34 -18.64
N SER A 140 -7.91 -6.08 -18.32
CA SER A 140 -6.92 -5.01 -18.33
C SER A 140 -5.85 -5.17 -17.24
N LYS A 141 -4.79 -4.37 -17.36
CA LYS A 141 -3.71 -4.32 -16.39
C LYS A 141 -4.26 -4.14 -14.98
N ILE A 142 -3.83 -5.01 -14.07
CA ILE A 142 -4.18 -4.90 -12.66
C ILE A 142 -3.01 -4.22 -11.92
N MET A 143 -3.32 -3.15 -11.21
CA MET A 143 -2.30 -2.38 -10.49
C MET A 143 -1.50 -3.19 -9.49
N ASN A 144 -0.27 -2.74 -9.23
CA ASN A 144 0.58 -3.34 -8.20
C ASN A 144 0.03 -3.02 -6.82
N ALA A 145 -0.49 -4.04 -6.15
CA ALA A 145 -1.10 -3.89 -4.83
C ALA A 145 -0.10 -4.07 -3.68
N GLN A 146 1.17 -4.35 -4.03
CA GLN A 146 2.23 -4.45 -3.03
C GLN A 146 2.38 -3.15 -2.27
N THR A 147 2.85 -3.25 -1.03
CA THR A 147 2.91 -2.10 -0.11
C THR A 147 3.82 -0.97 -0.60
N ALA A 148 4.80 -1.30 -1.44
CA ALA A 148 5.70 -0.31 -2.02
C ALA A 148 5.06 0.52 -3.13
N SER A 149 3.89 0.09 -3.60
CA SER A 149 3.21 0.75 -4.72
C SER A 149 1.80 1.24 -4.37
N LEU A 150 1.08 0.44 -3.59
CA LEU A 150 -0.33 0.71 -3.26
C LEU A 150 -0.52 2.06 -2.57
N GLY A 151 -1.35 2.92 -3.16
CA GLY A 151 -1.62 4.24 -2.61
C GLY A 151 -1.06 5.39 -3.43
N GLY A 152 -0.11 5.07 -4.31
CA GLY A 152 0.48 6.06 -5.19
C GLY A 152 1.50 6.95 -4.51
N SER A 153 1.71 8.14 -5.09
CA SER A 153 2.76 9.06 -4.66
C SER A 153 2.50 9.73 -3.31
N LEU A 154 3.57 9.90 -2.55
CA LEU A 154 3.51 10.53 -1.24
C LEU A 154 4.68 11.52 -1.12
N THR A 155 4.35 12.80 -0.96
CA THR A 155 5.36 13.86 -0.88
C THR A 155 5.39 14.46 0.53
N ARG A 156 6.58 14.43 1.14
CA ARG A 156 6.80 14.98 2.47
C ARG A 156 8.27 15.34 2.68
N THR A 157 8.56 16.02 3.79
CA THR A 157 9.93 16.32 4.19
C THR A 157 10.37 15.29 5.23
N THR A 158 11.52 14.66 5.01
CA THR A 158 12.07 13.68 5.96
C THR A 158 13.53 13.95 6.31
N SER A 159 13.92 13.49 7.50
CA SER A 159 15.31 13.51 7.93
C SER A 159 15.60 12.26 8.73
N THR A 160 16.58 11.48 8.28
CA THR A 160 16.90 10.20 8.91
C THR A 160 18.29 10.17 9.52
N ILE A 161 18.39 9.59 10.71
CA ILE A 161 19.66 9.37 11.38
C ILE A 161 19.78 7.91 11.81
N ASP A 162 21.02 7.44 11.94
CA ASP A 162 21.27 6.12 12.54
C ASP A 162 21.40 6.30 14.04
N ALA A 163 20.75 5.42 14.80
CA ALA A 163 20.82 5.46 16.26
C ALA A 163 22.26 5.44 16.77
N THR A 164 23.12 4.69 16.08
CA THR A 164 24.54 4.57 16.44
C THR A 164 25.34 5.88 16.31
N ASP A 165 24.78 6.87 15.61
CA ASP A 165 25.41 8.19 15.51
C ASP A 165 25.37 8.96 16.83
N LEU A 166 24.51 8.51 17.74
CA LEU A 166 24.33 9.15 19.05
C LEU A 166 25.43 8.74 20.03
N THR A 167 26.67 9.06 19.69
CA THR A 167 27.85 8.63 20.46
C THR A 167 28.01 9.37 21.79
N LYS A 168 27.28 10.47 21.95
CA LYS A 168 27.25 11.21 23.21
C LYS A 168 25.89 11.08 23.88
N TYR A 169 25.36 9.85 23.86
CA TYR A 169 24.09 9.49 24.48
C TYR A 169 24.09 9.74 26.00
N ASP A 170 25.29 9.73 26.59
CA ASP A 170 25.45 9.87 28.03
C ASP A 170 25.57 11.34 28.48
N THR A 171 25.42 12.26 27.52
CA THR A 171 25.31 13.67 27.84
C THR A 171 23.85 13.99 28.14
N ALA A 172 23.60 14.49 29.34
CA ALA A 172 22.26 14.91 29.74
C ALA A 172 21.81 16.14 28.95
N MET A 173 20.52 16.21 28.67
CA MET A 173 19.95 17.35 27.96
C MET A 173 19.07 18.15 28.90
N ALA A 174 19.41 19.44 29.06
CA ALA A 174 18.60 20.36 29.84
C ALA A 174 17.46 20.87 28.96
N ALA A 175 16.42 21.42 29.61
CA ALA A 175 15.35 22.09 28.87
C ALA A 175 15.95 23.20 28.02
N GLY A 176 15.57 23.24 26.75
CA GLY A 176 16.06 24.24 25.82
C GLY A 176 17.26 23.80 24.99
N ASP A 177 17.77 22.60 25.26
CA ASP A 177 18.92 22.06 24.51
C ASP A 177 18.52 21.65 23.10
N LEU A 178 17.29 21.20 22.94
CA LEU A 178 16.75 20.87 21.61
C LEU A 178 15.34 21.42 21.46
N THR A 179 15.15 22.22 20.41
CA THR A 179 13.82 22.72 20.06
C THR A 179 13.47 22.34 18.62
N ILE A 180 12.18 22.05 18.41
CA ILE A 180 11.66 21.70 17.10
C ILE A 180 10.59 22.72 16.74
N ASN A 181 10.79 23.42 15.62
CA ASN A 181 9.91 24.53 15.21
C ASN A 181 9.58 25.48 16.36
N GLY A 182 10.61 25.80 17.15
CA GLY A 182 10.51 26.76 18.25
C GLY A 182 10.01 26.17 19.57
N VAL A 183 9.65 24.89 19.56
CA VAL A 183 9.10 24.24 20.75
C VAL A 183 10.14 23.37 21.46
N ASP A 184 10.36 23.68 22.73
CA ASP A 184 11.28 22.94 23.60
C ASP A 184 10.78 21.51 23.80
N VAL A 185 11.64 20.54 23.50
CA VAL A 185 11.30 19.13 23.75
C VAL A 185 11.51 18.77 25.23
N GLY A 186 12.16 19.65 25.97
CA GLY A 186 12.34 19.51 27.41
C GLY A 186 13.55 18.72 27.84
N LYS A 187 13.63 18.47 29.14
CA LYS A 187 14.74 17.76 29.78
C LYS A 187 14.78 16.29 29.36
N ILE A 188 15.99 15.80 29.08
CA ILE A 188 16.20 14.38 28.78
C ILE A 188 17.39 13.87 29.60
N ASP A 189 17.15 12.84 30.42
CA ASP A 189 18.20 12.24 31.25
C ASP A 189 19.32 11.66 30.38
N ALA A 190 20.53 11.64 30.93
CA ALA A 190 21.64 10.94 30.31
C ALA A 190 21.25 9.47 30.11
N ALA A 191 21.51 8.95 28.92
CA ALA A 191 21.18 7.57 28.59
C ALA A 191 22.38 6.66 28.81
N SER A 192 22.15 5.35 28.71
CA SER A 192 23.19 4.36 28.90
C SER A 192 23.58 3.65 27.61
N THR A 193 22.78 3.85 26.56
CA THR A 193 23.13 3.42 25.19
C THR A 193 22.65 4.45 24.19
N ALA A 194 23.20 4.39 22.98
CA ALA A 194 22.74 5.22 21.86
C ALA A 194 21.29 4.90 21.50
N GLN A 195 20.92 3.62 21.63
CA GLN A 195 19.57 3.15 21.33
C GLN A 195 18.54 3.73 22.30
N GLU A 196 18.91 3.84 23.58
CA GLU A 196 18.05 4.47 24.57
C GLU A 196 17.84 5.95 24.24
N ARG A 197 18.92 6.65 23.92
CA ARG A 197 18.84 8.06 23.53
C ARG A 197 17.96 8.24 22.28
N ALA A 198 18.06 7.33 21.33
CA ALA A 198 17.18 7.34 20.14
C ALA A 198 15.71 7.26 20.54
N ALA A 199 15.40 6.37 21.48
CA ALA A 199 14.04 6.22 21.99
C ALA A 199 13.58 7.47 22.74
N GLN A 200 14.48 8.02 23.56
CA GLN A 200 14.19 9.25 24.31
C GLN A 200 13.86 10.42 23.41
N LEU A 201 14.69 10.61 22.37
CA LEU A 201 14.49 11.70 21.42
C LEU A 201 13.18 11.53 20.66
N THR A 202 12.89 10.30 20.27
CA THR A 202 11.64 9.97 19.59
C THR A 202 10.44 10.34 20.46
N GLU A 203 10.48 9.93 21.72
CA GLU A 203 9.40 10.22 22.67
C GLU A 203 9.25 11.72 22.95
N ALA A 204 10.38 12.40 23.13
CA ALA A 204 10.36 13.83 23.46
C ALA A 204 9.85 14.68 22.30
N ILE A 205 10.29 14.34 21.09
CA ILE A 205 9.84 15.02 19.87
C ILE A 205 8.35 14.79 19.64
N ASN A 206 7.90 13.55 19.84
CA ASN A 206 6.51 13.19 19.57
C ASN A 206 5.49 13.72 20.58
N ARG A 207 5.95 14.06 21.78
CA ARG A 207 5.07 14.67 22.78
C ARG A 207 4.47 15.97 22.23
N VAL A 208 5.26 16.68 21.43
CA VAL A 208 4.85 17.98 20.89
C VAL A 208 4.57 17.95 19.40
N SER A 209 4.44 16.74 18.83
CA SER A 209 4.19 16.55 17.41
C SER A 209 2.97 17.31 16.88
N SER A 210 1.89 17.34 17.67
CA SER A 210 0.66 18.00 17.25
C SER A 210 0.77 19.53 17.32
N GLN A 211 1.80 20.03 17.99
CA GLN A 211 2.09 21.46 18.06
C GLN A 211 3.03 21.88 16.94
N THR A 212 4.05 21.05 16.68
CA THR A 212 5.14 21.38 15.76
C THR A 212 4.88 20.93 14.33
N ASN A 213 3.97 19.96 14.17
CA ASN A 213 3.73 19.29 12.88
C ASN A 213 4.96 18.50 12.37
N VAL A 214 5.79 18.08 13.32
CA VAL A 214 6.93 17.21 13.03
C VAL A 214 6.78 15.95 13.87
N GLY A 215 6.92 14.79 13.23
CA GLY A 215 6.82 13.51 13.91
C GLY A 215 8.08 12.67 13.75
N ALA A 216 8.38 11.88 14.78
CA ALA A 216 9.50 10.95 14.76
C ALA A 216 9.04 9.51 14.74
N SER A 217 9.79 8.67 14.04
CA SER A 217 9.57 7.22 14.05
C SER A 217 10.90 6.51 14.21
N TYR A 218 10.98 5.65 15.23
CA TYR A 218 12.19 4.90 15.53
C TYR A 218 11.98 3.44 15.11
N ASP A 219 12.61 3.07 14.00
CA ASP A 219 12.55 1.71 13.47
C ASP A 219 13.70 0.92 14.08
N LYS A 220 13.37 0.04 15.02
CA LYS A 220 14.38 -0.73 15.76
C LYS A 220 15.00 -1.87 14.94
N THR A 221 14.37 -2.21 13.82
CA THR A 221 14.93 -3.21 12.90
C THR A 221 16.09 -2.62 12.10
N THR A 222 15.87 -1.43 11.53
CA THR A 222 16.88 -0.75 10.74
C THR A 222 17.83 0.09 11.62
N GLY A 223 17.40 0.38 12.84
CA GLY A 223 18.17 1.21 13.76
C GLY A 223 18.20 2.66 13.34
N GLN A 224 17.11 3.13 12.72
CA GLN A 224 17.04 4.50 12.22
C GLN A 224 15.88 5.28 12.82
N VAL A 225 16.14 6.56 13.11
CA VAL A 225 15.08 7.48 13.53
C VAL A 225 14.81 8.43 12.37
N THR A 226 13.54 8.51 11.96
CA THR A 226 13.12 9.37 10.87
C THR A 226 12.16 10.45 11.33
N LEU A 227 12.48 11.70 11.02
CA LEU A 227 11.56 12.81 11.23
C LEU A 227 10.75 13.03 9.96
N THR A 228 9.47 13.31 10.12
CA THR A 228 8.58 13.59 9.00
C THR A 228 7.79 14.88 9.26
N SER A 229 7.65 15.69 8.21
CA SER A 229 6.86 16.91 8.27
C SER A 229 6.36 17.30 6.88
N ASN A 230 5.42 18.25 6.85
CA ASN A 230 4.90 18.79 5.60
C ASN A 230 5.78 19.91 5.03
N ALA A 231 6.77 20.32 5.82
CA ALA A 231 7.69 21.41 5.45
C ALA A 231 9.03 21.23 6.15
N ALA A 232 9.99 22.08 5.80
CA ALA A 232 11.30 22.09 6.44
C ALA A 232 11.16 22.17 7.96
N ILE A 233 12.04 21.46 8.66
CA ILE A 233 12.00 21.36 10.12
C ILE A 233 13.05 22.29 10.72
N ALA A 234 12.62 23.19 11.61
CA ALA A 234 13.56 24.09 12.28
C ALA A 234 14.10 23.43 13.54
N VAL A 235 15.36 23.04 13.49
CA VAL A 235 16.05 22.46 14.65
C VAL A 235 16.93 23.54 15.28
N ALA A 236 16.67 23.83 16.55
CA ALA A 236 17.47 24.79 17.30
C ALA A 236 17.73 24.30 18.72
N GLY A 237 18.28 25.17 19.56
CA GLY A 237 18.56 24.82 20.95
C GLY A 237 20.01 24.99 21.35
N ALA A 238 20.28 24.82 22.64
CA ALA A 238 21.60 25.08 23.21
C ALA A 238 22.64 23.99 22.94
N ALA A 239 22.18 22.76 22.70
CA ALA A 239 23.08 21.62 22.51
C ALA A 239 23.89 21.72 21.22
N ASN A 240 23.20 21.95 20.10
CA ASN A 240 23.81 21.98 18.76
C ASN A 240 24.86 20.89 18.56
N ASP A 241 24.43 19.64 18.77
CA ASP A 241 25.31 18.49 18.66
C ASP A 241 24.48 17.26 18.30
N ALA A 242 24.69 16.76 17.09
CA ALA A 242 23.95 15.61 16.58
C ALA A 242 24.26 14.32 17.33
N THR A 243 25.43 14.25 17.95
CA THR A 243 25.83 13.08 18.73
C THR A 243 25.13 13.03 20.09
N VAL A 244 24.58 14.18 20.49
CA VAL A 244 23.81 14.29 21.73
C VAL A 244 22.31 14.20 21.45
N ALA A 245 21.84 15.07 20.55
CA ALA A 245 20.40 15.28 20.34
C ALA A 245 19.88 14.84 18.98
N GLY A 246 20.69 14.07 18.25
CA GLY A 246 20.28 13.51 16.96
C GLY A 246 20.47 14.45 15.79
N TRP A 247 20.07 15.70 15.98
CA TRP A 247 20.12 16.72 14.93
C TRP A 247 20.80 17.97 15.45
N ALA A 248 21.79 18.44 14.70
CA ALA A 248 22.44 19.73 14.99
C ALA A 248 21.52 20.85 14.51
N ASN A 249 21.80 22.08 14.96
CA ASN A 249 20.95 23.21 14.60
C ASN A 249 20.95 23.49 13.09
N ASN A 250 19.74 23.65 12.55
CA ASN A 250 19.52 23.82 11.12
C ASN A 250 18.06 24.25 10.97
N ALA A 251 17.85 25.51 10.57
CA ALA A 251 16.51 26.09 10.49
C ALA A 251 15.64 25.48 9.39
N THR A 252 16.28 24.83 8.41
CA THR A 252 15.56 24.12 7.35
C THR A 252 16.08 22.69 7.19
N THR A 253 15.87 21.88 8.24
CA THR A 253 16.30 20.48 8.25
C THR A 253 15.35 19.62 7.41
N GLY A 254 15.93 18.69 6.66
CA GLY A 254 15.15 17.70 5.94
C GLY A 254 15.25 17.79 4.44
N THR A 255 14.87 16.70 3.78
CA THR A 255 14.89 16.59 2.33
C THR A 255 13.47 16.38 1.84
N ALA A 256 13.12 17.08 0.75
CA ALA A 256 11.84 16.88 0.08
C ALA A 256 11.84 15.49 -0.57
N THR A 257 11.04 14.59 -0.01
CA THR A 257 11.03 13.19 -0.40
C THR A 257 9.69 12.83 -1.06
N THR A 258 9.75 12.23 -2.24
CA THR A 258 8.57 11.69 -2.91
C THR A 258 8.76 10.20 -3.20
N THR A 259 8.01 9.38 -2.47
CA THR A 259 8.01 7.93 -2.68
C THR A 259 6.60 7.45 -3.02
N THR A 260 6.46 6.14 -3.23
CA THR A 260 5.15 5.54 -3.50
C THR A 260 4.80 4.50 -2.46
N GLY A 261 3.50 4.25 -2.30
CA GLY A 261 3.03 3.15 -1.48
C GLY A 261 2.70 3.49 -0.04
N ILE A 262 2.44 2.44 0.75
CA ILE A 262 2.06 2.57 2.15
C ILE A 262 3.11 1.98 3.09
N ASN A 263 4.19 1.43 2.52
CA ASN A 263 5.22 0.72 3.29
C ASN A 263 6.03 1.60 4.26
N SER A 264 6.08 2.91 3.99
CA SER A 264 6.83 3.83 4.84
C SER A 264 5.93 4.51 5.89
N LEU A 265 4.64 4.23 5.84
CA LEU A 265 3.67 4.80 6.79
C LEU A 265 3.83 4.20 8.18
N THR A 266 3.78 5.05 9.19
CA THR A 266 3.76 4.61 10.58
C THR A 266 2.70 5.37 11.37
N VAL A 267 2.40 4.91 12.58
CA VAL A 267 1.52 5.63 13.50
C VAL A 267 2.29 6.00 14.77
N SER A 268 3.61 6.15 14.61
CA SER A 268 4.54 6.41 15.72
C SER A 268 4.37 7.78 16.36
N SER A 269 3.75 8.71 15.63
CA SER A 269 3.57 10.08 16.08
C SER A 269 2.26 10.63 15.53
N PHE A 270 1.81 11.76 16.08
CA PHE A 270 0.64 12.45 15.55
C PHE A 270 0.81 12.72 14.06
N THR A 271 1.94 13.34 13.69
CA THR A 271 2.22 13.71 12.30
C THR A 271 2.21 12.48 11.38
N ASN A 272 2.86 11.40 11.82
CA ASN A 272 2.90 10.15 11.07
C ASN A 272 1.52 9.53 10.91
N ALA A 273 0.75 9.50 12.00
CA ALA A 273 -0.60 8.94 11.99
C ALA A 273 -1.55 9.70 11.08
N GLN A 274 -1.43 11.03 11.07
CA GLN A 274 -2.22 11.89 10.19
C GLN A 274 -1.93 11.61 8.72
N GLN A 275 -0.64 11.51 8.40
CA GLN A 275 -0.17 11.13 7.08
C GLN A 275 -0.74 9.76 6.68
N THR A 276 -0.77 8.85 7.64
CA THR A 276 -1.27 7.49 7.42
C THR A 276 -2.75 7.46 7.05
N ILE A 277 -3.58 8.24 7.76
CA ILE A 277 -5.02 8.32 7.44
C ILE A 277 -5.21 8.71 5.97
N THR A 278 -4.52 9.76 5.56
CA THR A 278 -4.63 10.30 4.20
C THR A 278 -4.16 9.30 3.14
N GLN A 279 -2.98 8.71 3.35
CA GLN A 279 -2.40 7.78 2.37
C GLN A 279 -3.15 6.44 2.29
N ILE A 280 -3.69 5.99 3.43
CA ILE A 280 -4.54 4.78 3.43
C ILE A 280 -5.81 5.03 2.61
N ASP A 281 -6.37 6.24 2.72
CA ASP A 281 -7.51 6.62 1.90
C ASP A 281 -7.18 6.58 0.41
N ASN A 282 -5.97 7.03 0.06
CA ASN A 282 -5.47 6.91 -1.32
C ASN A 282 -5.37 5.45 -1.77
N ALA A 283 -4.93 4.58 -0.87
CA ALA A 283 -4.83 3.15 -1.15
C ALA A 283 -6.21 2.53 -1.37
N LEU A 284 -7.16 2.88 -0.51
CA LEU A 284 -8.55 2.42 -0.65
C LEU A 284 -9.15 2.87 -1.99
N LYS A 285 -8.83 4.12 -2.36
CA LYS A 285 -9.23 4.69 -3.65
C LYS A 285 -8.68 3.85 -4.82
N ASP A 286 -7.40 3.47 -4.74
CA ASP A 286 -6.78 2.65 -5.78
C ASP A 286 -7.41 1.27 -5.89
N ILE A 287 -7.77 0.68 -4.74
CA ILE A 287 -8.50 -0.59 -4.70
C ILE A 287 -9.86 -0.44 -5.40
N ASN A 288 -10.58 0.62 -5.06
CA ASN A 288 -11.90 0.88 -5.64
C ASN A 288 -11.88 0.97 -7.16
N THR A 289 -10.88 1.68 -7.69
CA THR A 289 -10.72 1.87 -9.13
C THR A 289 -10.36 0.56 -9.83
N ALA A 290 -9.48 -0.23 -9.19
CA ALA A 290 -9.09 -1.53 -9.72
C ALA A 290 -10.28 -2.48 -9.78
N ARG A 291 -11.11 -2.47 -8.75
CA ARG A 291 -12.31 -3.31 -8.70
C ARG A 291 -13.36 -2.88 -9.72
N ALA A 292 -13.44 -1.58 -9.97
CA ALA A 292 -14.36 -1.04 -10.99
C ALA A 292 -14.05 -1.60 -12.37
N ASP A 293 -12.75 -1.67 -12.70
CA ASP A 293 -12.29 -2.24 -13.97
C ASP A 293 -12.59 -3.73 -14.07
N LEU A 294 -12.31 -4.45 -12.98
CA LEU A 294 -12.55 -5.89 -12.92
C LEU A 294 -14.03 -6.22 -12.94
N GLY A 295 -14.84 -5.37 -12.32
CA GLY A 295 -16.29 -5.49 -12.37
C GLY A 295 -16.82 -5.33 -13.78
N ALA A 296 -16.26 -4.37 -14.50
CA ALA A 296 -16.63 -4.07 -15.89
C ALA A 296 -16.35 -5.26 -16.81
N VAL A 297 -15.19 -5.88 -16.65
CA VAL A 297 -14.82 -7.02 -17.50
C VAL A 297 -15.67 -8.26 -17.16
N GLN A 298 -16.03 -8.41 -15.89
CA GLN A 298 -16.93 -9.47 -15.47
C GLN A 298 -18.30 -9.34 -16.14
N ASN A 299 -18.78 -8.11 -16.24
CA ASN A 299 -20.03 -7.82 -16.95
C ASN A 299 -19.95 -8.19 -18.43
N ARG A 300 -18.81 -7.90 -19.04
CA ARG A 300 -18.57 -8.23 -20.45
C ARG A 300 -18.55 -9.74 -20.67
N PHE A 301 -17.87 -10.46 -19.77
CA PHE A 301 -17.82 -11.93 -19.85
C PHE A 301 -19.22 -12.53 -19.70
N THR A 302 -19.98 -12.05 -18.72
CA THR A 302 -21.34 -12.52 -18.46
C THR A 302 -22.26 -12.29 -19.67
N SER A 303 -22.16 -11.11 -20.27
CA SER A 303 -22.90 -10.78 -21.50
C SER A 303 -22.51 -11.69 -22.65
N THR A 304 -21.21 -11.97 -22.76
CA THR A 304 -20.68 -12.84 -23.81
C THR A 304 -21.15 -14.29 -23.63
N VAL A 305 -21.12 -14.78 -22.40
CA VAL A 305 -21.61 -16.14 -22.07
C VAL A 305 -23.06 -16.31 -22.54
N ALA A 306 -23.90 -15.32 -22.25
CA ALA A 306 -25.31 -15.33 -22.64
C ALA A 306 -25.48 -15.42 -24.16
N ASN A 307 -24.68 -14.63 -24.89
CA ASN A 307 -24.70 -14.65 -26.35
C ASN A 307 -24.18 -15.96 -26.92
N LEU A 308 -23.13 -16.51 -26.29
CA LEU A 308 -22.54 -17.78 -26.69
C LEU A 308 -23.52 -18.94 -26.53
N GLN A 309 -24.26 -18.94 -25.42
CA GLN A 309 -25.28 -19.95 -25.14
C GLN A 309 -26.41 -19.90 -26.16
N SER A 310 -26.82 -18.68 -26.53
CA SER A 310 -27.87 -18.47 -27.53
C SER A 310 -27.41 -18.91 -28.93
N MET A 311 -26.15 -18.64 -29.25
CA MET A 311 -25.59 -19.04 -30.55
C MET A 311 -25.42 -20.55 -30.67
N THR A 312 -25.00 -21.19 -29.58
CA THR A 312 -24.79 -22.63 -29.55
C THR A 312 -26.10 -23.41 -29.65
N GLU A 313 -27.14 -22.90 -28.98
CA GLU A 313 -28.47 -23.51 -29.00
C GLU A 313 -29.13 -23.45 -30.37
N ASN A 314 -29.00 -22.29 -31.04
CA ASN A 314 -29.55 -22.09 -32.38
C ASN A 314 -28.82 -22.93 -33.44
N LEU A 315 -27.52 -23.12 -33.23
CA LEU A 315 -26.68 -23.86 -34.17
C LEU A 315 -26.84 -25.38 -33.98
N SER A 316 -27.18 -25.80 -32.77
CA SER A 316 -27.47 -27.19 -32.48
C SER A 316 -28.84 -27.60 -33.04
N SER A 317 -29.74 -26.62 -33.12
CA SER A 317 -31.08 -26.82 -33.69
C SER A 317 -31.06 -27.00 -35.20
N ALA A 318 -30.07 -26.38 -35.85
CA ALA A 318 -29.89 -26.50 -37.30
C ALA A 318 -29.50 -27.92 -37.70
N LEU A 319 -28.63 -28.54 -36.90
CA LEU A 319 -28.20 -29.93 -37.09
C LEU A 319 -27.71 -30.23 -38.51
#